data_1BJH
#
_entry.id   1BJH
#
_cell.length_a   1.000
_cell.length_b   1.000
_cell.length_c   1.000
_cell.angle_alpha   90.00
_cell.angle_beta   90.00
_cell.angle_gamma   90.00
#
_symmetry.space_group_name_H-M   'P 1'
#
_entity_poly.entity_id   1
_entity_poly.type   'polydeoxyribonucleotide'
_entity_poly.pdbx_seq_one_letter_code
;(DG)(DT)(DA)(DC)(DA)(DA)(DA)(DG)(DT)(DA)(DC)
;
_entity_poly.pdbx_strand_id   A
#